data_1D0U
#
_entry.id   1D0U
#
_cell.length_a   1.000
_cell.length_b   1.000
_cell.length_c   1.000
_cell.angle_alpha   90.00
_cell.angle_beta   90.00
_cell.angle_gamma   90.00
#
_symmetry.space_group_name_H-M   'P 1'
#
_entity_poly.entity_id   1
_entity_poly.type   'polyribonucleotide'
_entity_poly.pdbx_seq_one_letter_code
;GGGAUCACCAUUAGGGAUCUC
;
_entity_poly.pdbx_strand_id   A
#